data_6UB0
#
_entry.id   6UB0
#
_cell.length_a   49.561
_cell.length_b   34.231
_cell.length_c   56.351
_cell.angle_alpha   90.000
_cell.angle_beta   104.880
_cell.angle_gamma   90.000
#
_symmetry.space_group_name_H-M   'P 1 21 1'
#
loop_
_entity.id
_entity.type
_entity.pdbx_description
1 polymer 'Glyco_hydro_cc domain-containing protein'
2 branched beta-D-glucopyranose-(1-3)-alpha-D-glucopyranose
3 water water
#
_entity_poly.entity_id   1
_entity_poly.type   'polypeptide(L)'
_entity_poly.pdbx_seq_one_letter_code
;GSGKRGLAYNNINLLTAFEGGPFSWSYNWEPRPGGYTAGIEYVPMLWGPRGYGSWNADAEAGIAAGSKNLLAFNEPDIAS
QANMSPEAAAAAYQKYMNPYAARARLGSPAVSNGAPPKGLGWMQGFLDVCAGNCKIDFLAVHWHGPSGNVDDFKRYVSEA
IALGQKYGIGTVWVTEFEGQGDEEAQVNFLKEVLPWLDSNAGVERYASFFVDNLVKGGALTSVGKAYKTI
;
_entity_poly.pdbx_strand_id   A
#
loop_
_chem_comp.id
_chem_comp.type
_chem_comp.name
_chem_comp.formula
BGC D-saccharide, beta linking beta-D-glucopyranose 'C6 H12 O6'
GLC D-saccharide, alpha linking alpha-D-glucopyranose 'C6 H12 O6'
#
# COMPACT_ATOMS: atom_id res chain seq x y z
N GLY A 1 15.45 9.91 -4.89
CA GLY A 1 15.92 8.52 -4.66
C GLY A 1 15.44 7.60 -5.78
N SER A 2 14.91 6.42 -5.44
CA SER A 2 14.34 5.44 -6.41
C SER A 2 13.02 5.95 -7.02
N GLY A 3 12.37 6.89 -6.34
CA GLY A 3 11.04 7.42 -6.70
C GLY A 3 9.93 6.47 -6.31
N LYS A 4 10.26 5.41 -5.53
CA LYS A 4 9.32 4.36 -5.03
C LYS A 4 8.77 4.67 -3.62
N ARG A 5 9.43 5.51 -2.83
CA ARG A 5 9.12 5.68 -1.39
C ARG A 5 7.89 6.57 -1.15
N GLY A 6 6.96 6.12 -0.28
CA GLY A 6 5.65 6.72 -0.02
C GLY A 6 5.48 7.27 1.39
N LEU A 7 4.50 8.17 1.55
CA LEU A 7 4.10 8.76 2.85
C LEU A 7 2.68 8.29 3.15
N ALA A 8 2.54 7.31 4.05
CA ALA A 8 1.26 6.75 4.52
C ALA A 8 0.82 7.55 5.78
N TYR A 9 -0.28 8.30 5.72
CA TYR A 9 -0.61 9.26 6.81
C TYR A 9 -2.08 9.26 7.18
N ASN A 10 -2.35 9.81 8.34
CA ASN A 10 -3.71 10.22 8.75
C ASN A 10 -3.79 11.76 8.81
N ASN A 11 -2.83 12.39 9.47
CA ASN A 11 -2.78 13.86 9.65
C ASN A 11 -1.97 14.50 8.51
N ILE A 12 -2.62 15.24 7.61
CA ILE A 12 -1.90 15.71 6.39
C ILE A 12 -0.83 16.74 6.81
N ASN A 13 -1.03 17.39 7.95
CA ASN A 13 -0.09 18.38 8.56
C ASN A 13 1.31 17.76 8.71
N LEU A 14 1.43 16.47 9.00
CA LEU A 14 2.77 15.91 9.36
C LEU A 14 3.66 15.59 8.15
N LEU A 15 3.14 15.66 6.93
CA LEU A 15 3.93 15.39 5.71
C LEU A 15 5.01 16.46 5.54
N THR A 16 4.79 17.68 6.06
CA THR A 16 5.84 18.76 6.01
C THR A 16 7.15 18.26 6.63
N ALA A 17 7.12 17.46 7.70
CA ALA A 17 8.34 16.98 8.39
C ALA A 17 9.21 16.19 7.40
N PHE A 18 8.66 15.71 6.30
CA PHE A 18 9.35 14.86 5.30
C PHE A 18 9.70 15.66 4.04
N GLU A 19 9.44 16.97 4.02
CA GLU A 19 9.74 17.85 2.86
C GLU A 19 11.17 17.67 2.37
N GLY A 20 11.34 17.54 1.04
CA GLY A 20 12.64 17.38 0.36
C GLY A 20 13.25 16.01 0.51
N GLY A 21 12.61 15.04 1.19
CA GLY A 21 13.03 13.63 1.16
C GLY A 21 12.68 12.99 -0.19
N PRO A 22 13.09 11.73 -0.47
CA PRO A 22 12.85 11.10 -1.77
C PRO A 22 11.45 10.45 -1.89
N PHE A 23 10.44 11.28 -1.75
CA PHE A 23 9.02 10.84 -1.70
C PHE A 23 8.36 11.23 -3.01
N SER A 24 7.58 10.32 -3.58
CA SER A 24 6.86 10.61 -4.83
C SER A 24 5.38 10.54 -4.57
N TRP A 25 4.95 9.91 -3.46
CA TRP A 25 3.53 9.59 -3.28
C TRP A 25 3.12 9.48 -1.81
N SER A 26 1.80 9.53 -1.64
CA SER A 26 1.13 9.52 -0.34
C SER A 26 -0.18 8.78 -0.45
N TYR A 27 -0.68 8.27 0.68
CA TYR A 27 -2.06 7.77 0.79
C TYR A 27 -2.38 7.82 2.27
N ASN A 28 -3.65 7.71 2.57
CA ASN A 28 -4.20 7.87 3.92
C ASN A 28 -5.33 6.89 4.18
N TRP A 29 -5.34 5.76 3.46
CA TRP A 29 -6.38 4.71 3.65
C TRP A 29 -7.78 5.27 3.42
N GLU A 30 -7.92 6.44 2.78
CA GLU A 30 -9.21 7.06 2.53
C GLU A 30 -9.31 7.27 1.03
N PRO A 31 -10.53 7.58 0.54
CA PRO A 31 -10.71 7.95 -0.86
C PRO A 31 -10.35 9.42 -1.19
N ARG A 32 -10.32 10.31 -0.21
CA ARG A 32 -10.07 11.77 -0.43
C ARG A 32 -8.86 12.15 0.41
N PRO A 33 -8.00 13.09 0.01
CA PRO A 33 -6.76 13.31 0.74
C PRO A 33 -6.80 14.13 2.02
N GLY A 34 -7.87 14.88 2.26
CA GLY A 34 -7.97 15.76 3.44
C GLY A 34 -7.11 17.02 3.32
N GLY A 35 -6.60 17.34 2.14
CA GLY A 35 -5.64 18.45 2.00
C GLY A 35 -4.82 18.28 0.74
N TYR A 36 -3.65 18.95 0.67
CA TYR A 36 -2.73 18.95 -0.50
C TYR A 36 -1.28 18.98 0.01
N THR A 37 -0.42 18.24 -0.70
CA THR A 37 1.05 18.23 -0.52
C THR A 37 1.68 18.37 -1.91
N ALA A 38 2.52 19.39 -2.11
CA ALA A 38 3.10 19.76 -3.42
C ALA A 38 4.18 18.75 -3.83
N GLY A 39 4.22 18.35 -5.11
CA GLY A 39 5.23 17.46 -5.69
C GLY A 39 5.03 16.01 -5.27
N ILE A 40 3.93 15.65 -4.63
CA ILE A 40 3.71 14.20 -4.33
C ILE A 40 2.31 13.76 -4.75
N GLU A 41 2.27 12.58 -5.36
CA GLU A 41 1.06 12.01 -5.99
C GLU A 41 0.28 11.39 -4.84
N TYR A 42 -0.89 11.95 -4.54
CA TYR A 42 -1.88 11.29 -3.65
C TYR A 42 -2.51 10.12 -4.42
N VAL A 43 -2.69 9.00 -3.71
CA VAL A 43 -3.34 7.81 -4.31
C VAL A 43 -4.62 7.53 -3.54
N PRO A 44 -5.80 7.72 -4.16
CA PRO A 44 -7.06 7.38 -3.48
C PRO A 44 -7.17 5.88 -3.20
N MET A 45 -7.81 5.54 -2.07
CA MET A 45 -8.14 4.15 -1.71
C MET A 45 -9.65 3.94 -1.56
N LEU A 46 -10.14 2.91 -2.24
CA LEU A 46 -11.41 2.21 -1.91
C LEU A 46 -11.16 1.20 -0.80
N TRP A 47 -11.41 1.59 0.44
CA TRP A 47 -10.99 0.85 1.66
C TRP A 47 -11.74 -0.48 1.78
N GLY A 48 -13.01 -0.41 1.46
CA GLY A 48 -14.00 -1.49 1.64
C GLY A 48 -15.41 -1.00 1.34
N PRO A 49 -16.41 -1.87 1.58
CA PRO A 49 -17.81 -1.54 1.31
C PRO A 49 -18.32 -0.20 1.82
N ARG A 50 -17.83 0.24 2.98
CA ARG A 50 -18.27 1.52 3.60
C ARG A 50 -18.00 2.68 2.62
N GLY A 51 -17.16 2.47 1.62
CA GLY A 51 -16.75 3.54 0.67
C GLY A 51 -17.44 3.44 -0.68
N TYR A 52 -18.23 2.37 -0.91
CA TYR A 52 -18.86 2.06 -2.22
C TYR A 52 -19.76 3.22 -2.63
N GLY A 53 -20.46 3.77 -1.64
CA GLY A 53 -21.37 4.92 -1.75
C GLY A 53 -20.78 6.09 -2.50
N SER A 54 -19.51 6.45 -2.26
CA SER A 54 -18.87 7.69 -2.79
C SER A 54 -17.80 7.39 -3.84
N TRP A 55 -17.44 6.12 -4.00
CA TRP A 55 -16.25 5.71 -4.79
C TRP A 55 -16.31 6.30 -6.20
N ASN A 56 -17.45 6.23 -6.88
CA ASN A 56 -17.54 6.82 -8.25
C ASN A 56 -16.93 8.22 -8.15
N ALA A 57 -17.59 9.05 -7.30
CA ALA A 57 -17.36 10.49 -7.15
C ALA A 57 -15.91 10.69 -6.74
N ASP A 58 -15.42 9.85 -5.84
CA ASP A 58 -14.07 10.01 -5.24
C ASP A 58 -13.02 9.72 -6.33
N ALA A 59 -13.16 8.60 -7.07
CA ALA A 59 -12.26 8.28 -8.20
C ALA A 59 -12.25 9.45 -9.22
N GLU A 60 -13.42 10.08 -9.42
CA GLU A 60 -13.52 11.21 -10.39
C GLU A 60 -12.63 12.38 -9.96
N ALA A 61 -12.74 12.90 -8.72
CA ALA A 61 -11.97 14.07 -8.22
C ALA A 61 -10.47 13.82 -8.38
N GLY A 62 -10.05 12.60 -8.04
CA GLY A 62 -8.63 12.20 -7.90
C GLY A 62 -7.98 12.10 -9.27
N ILE A 63 -8.65 11.41 -10.19
CA ILE A 63 -8.24 11.35 -11.62
C ILE A 63 -8.21 12.79 -12.12
N ALA A 64 -9.23 13.57 -11.77
CA ALA A 64 -9.34 15.03 -12.04
C ALA A 64 -8.21 15.82 -11.36
N ALA A 65 -7.65 15.37 -10.24
CA ALA A 65 -6.47 16.05 -9.63
C ALA A 65 -5.16 15.45 -10.16
N GLY A 66 -5.21 14.58 -11.18
CA GLY A 66 -4.02 14.04 -11.89
C GLY A 66 -3.43 12.78 -11.25
N SER A 67 -4.17 12.17 -10.34
CA SER A 67 -3.79 10.91 -9.66
C SER A 67 -3.68 9.82 -10.73
N LYS A 68 -2.54 9.15 -10.79
CA LYS A 68 -2.27 8.13 -11.84
C LYS A 68 -2.75 6.75 -11.37
N ASN A 69 -3.12 6.63 -10.11
CA ASN A 69 -3.20 5.29 -9.46
C ASN A 69 -4.39 5.26 -8.51
N LEU A 70 -5.01 4.10 -8.37
CA LEU A 70 -6.10 3.91 -7.40
C LEU A 70 -5.82 2.60 -6.65
N LEU A 71 -6.12 2.60 -5.35
CA LEU A 71 -5.95 1.37 -4.50
C LEU A 71 -7.31 0.80 -4.09
N ALA A 72 -7.37 -0.53 -3.97
CA ALA A 72 -8.59 -1.23 -3.56
C ALA A 72 -8.53 -1.56 -2.05
N PHE A 73 -9.36 -2.51 -1.61
CA PHE A 73 -9.77 -2.68 -0.20
C PHE A 73 -8.53 -2.92 0.69
N ASN A 74 -8.64 -2.44 1.91
CA ASN A 74 -7.61 -2.60 2.97
C ASN A 74 -7.80 -3.91 3.75
N GLU A 75 -6.93 -4.87 3.55
CA GLU A 75 -6.92 -6.09 4.42
C GLU A 75 -8.32 -6.72 4.44
N PRO A 76 -8.82 -7.14 3.26
CA PRO A 76 -10.09 -7.88 3.22
C PRO A 76 -9.98 -9.21 3.99
N ASP A 77 -8.77 -9.73 4.11
CA ASP A 77 -8.42 -10.97 4.86
C ASP A 77 -8.42 -10.76 6.39
N ILE A 78 -8.79 -9.60 6.94
CA ILE A 78 -8.80 -9.36 8.42
C ILE A 78 -10.18 -8.85 8.83
N ALA A 79 -10.81 -9.48 9.83
CA ALA A 79 -12.25 -9.31 10.08
C ALA A 79 -12.55 -7.89 10.55
N SER A 80 -11.59 -7.22 11.18
CA SER A 80 -11.79 -5.83 11.69
C SER A 80 -11.30 -4.82 10.67
N GLN A 81 -10.76 -5.26 9.54
CA GLN A 81 -10.48 -4.36 8.39
C GLN A 81 -11.59 -4.54 7.37
N ALA A 82 -11.27 -4.60 6.09
CA ALA A 82 -12.31 -4.59 5.05
C ALA A 82 -13.26 -5.73 5.34
N ASN A 83 -12.72 -6.89 5.69
CA ASN A 83 -13.47 -8.10 6.14
C ASN A 83 -14.36 -8.57 5.00
N MET A 84 -13.75 -9.02 3.90
CA MET A 84 -14.47 -9.36 2.66
C MET A 84 -13.98 -10.71 2.18
N SER A 85 -14.91 -11.55 1.75
CA SER A 85 -14.57 -12.86 1.16
C SER A 85 -13.88 -12.59 -0.17
N PRO A 86 -12.93 -13.43 -0.62
CA PRO A 86 -12.32 -13.24 -1.92
C PRO A 86 -13.39 -13.09 -3.02
N GLU A 87 -14.44 -13.92 -2.97
N GLU A 87 -14.42 -13.93 -2.93
CA GLU A 87 -15.56 -13.87 -3.95
CA GLU A 87 -15.59 -13.96 -3.85
C GLU A 87 -16.20 -12.47 -3.91
C GLU A 87 -16.28 -12.58 -3.87
N ALA A 88 -16.49 -11.92 -2.73
CA ALA A 88 -17.17 -10.60 -2.72
C ALA A 88 -16.18 -9.51 -3.17
N ALA A 89 -14.90 -9.69 -2.87
CA ALA A 89 -13.88 -8.71 -3.30
C ALA A 89 -13.83 -8.69 -4.84
N ALA A 90 -13.86 -9.87 -5.47
CA ALA A 90 -13.75 -10.04 -6.94
C ALA A 90 -14.89 -9.26 -7.60
N ALA A 91 -16.09 -9.50 -7.07
CA ALA A 91 -17.35 -8.88 -7.51
C ALA A 91 -17.21 -7.36 -7.39
N ALA A 92 -16.86 -6.89 -6.20
CA ALA A 92 -16.84 -5.43 -5.92
C ALA A 92 -15.67 -4.79 -6.66
N TYR A 93 -14.60 -5.56 -6.90
CA TYR A 93 -13.41 -5.05 -7.61
C TYR A 93 -13.87 -4.75 -9.03
N GLN A 94 -14.35 -5.80 -9.70
CA GLN A 94 -14.80 -5.78 -11.11
C GLN A 94 -15.78 -4.65 -11.28
N LYS A 95 -16.68 -4.50 -10.30
CA LYS A 95 -17.73 -3.46 -10.30
C LYS A 95 -17.14 -2.05 -10.14
N TYR A 96 -16.29 -1.82 -9.14
CA TYR A 96 -16.00 -0.47 -8.59
C TYR A 96 -14.60 0.02 -9.04
N MET A 97 -13.67 -0.89 -9.34
CA MET A 97 -12.31 -0.53 -9.81
C MET A 97 -12.16 -0.64 -11.35
N ASN A 98 -12.44 -1.80 -11.97
CA ASN A 98 -12.21 -2.07 -13.42
C ASN A 98 -12.62 -0.90 -14.31
N PRO A 99 -13.73 -0.21 -14.02
CA PRO A 99 -14.19 0.96 -14.78
C PRO A 99 -13.19 2.11 -15.00
N TYR A 100 -12.24 2.30 -14.08
CA TYR A 100 -11.21 3.36 -14.15
C TYR A 100 -9.91 2.85 -14.77
N ALA A 101 -9.93 1.65 -15.35
CA ALA A 101 -8.74 0.99 -15.90
C ALA A 101 -8.09 1.87 -16.98
N ALA A 102 -8.89 2.58 -17.76
CA ALA A 102 -8.40 3.37 -18.92
C ALA A 102 -7.67 4.62 -18.41
N ARG A 103 -8.04 5.11 -17.23
CA ARG A 103 -7.60 6.43 -16.71
C ARG A 103 -6.64 6.29 -15.52
N ALA A 104 -6.43 5.09 -15.00
CA ALA A 104 -5.59 4.95 -13.80
C ALA A 104 -5.12 3.50 -13.69
N ARG A 105 -3.96 3.36 -13.07
CA ARG A 105 -3.42 2.03 -12.72
C ARG A 105 -4.14 1.62 -11.42
N LEU A 106 -4.59 0.38 -11.41
CA LEU A 106 -5.45 -0.20 -10.35
C LEU A 106 -4.60 -1.15 -9.52
N GLY A 107 -4.64 -0.94 -8.20
CA GLY A 107 -3.91 -1.76 -7.23
C GLY A 107 -4.84 -2.74 -6.55
N SER A 108 -4.44 -3.97 -6.41
CA SER A 108 -5.29 -5.00 -5.79
C SER A 108 -5.70 -4.59 -4.37
N PRO A 109 -6.71 -5.27 -3.79
CA PRO A 109 -6.89 -5.20 -2.34
C PRO A 109 -5.54 -5.57 -1.74
N ALA A 110 -5.24 -4.97 -0.59
CA ALA A 110 -3.95 -5.11 0.10
C ALA A 110 -4.10 -6.15 1.23
N VAL A 111 -3.43 -7.28 1.12
CA VAL A 111 -3.54 -8.33 2.16
C VAL A 111 -2.51 -8.12 3.27
N SER A 112 -2.80 -8.73 4.42
CA SER A 112 -1.85 -8.86 5.56
C SER A 112 -0.78 -9.89 5.21
N ASN A 113 0.16 -10.09 6.12
CA ASN A 113 1.21 -11.12 6.01
C ASN A 113 0.81 -12.36 6.82
N GLY A 114 -0.47 -12.44 7.22
CA GLY A 114 -1.10 -13.63 7.83
C GLY A 114 -0.91 -14.84 6.93
N ALA A 115 -0.88 -16.05 7.52
CA ALA A 115 -0.66 -17.31 6.79
C ALA A 115 -1.96 -17.73 6.13
N PRO A 116 -1.87 -18.44 4.99
CA PRO A 116 -3.07 -19.03 4.38
C PRO A 116 -3.99 -19.57 5.46
N PRO A 117 -5.31 -19.32 5.43
CA PRO A 117 -5.97 -18.65 4.32
C PRO A 117 -6.08 -17.11 4.35
N LYS A 118 -5.32 -16.42 5.20
CA LYS A 118 -5.25 -14.94 5.17
C LYS A 118 -4.12 -14.62 4.18
N GLY A 119 -3.65 -13.35 4.08
CA GLY A 119 -2.38 -13.09 3.39
C GLY A 119 -2.50 -13.43 1.93
N LEU A 120 -1.45 -14.00 1.34
CA LEU A 120 -1.31 -14.35 -0.10
C LEU A 120 -2.22 -15.51 -0.53
N GLY A 121 -2.79 -16.21 0.44
CA GLY A 121 -3.79 -17.25 0.21
C GLY A 121 -5.07 -16.57 -0.19
N TRP A 122 -5.44 -15.53 0.57
CA TRP A 122 -6.63 -14.71 0.24
C TRP A 122 -6.38 -14.08 -1.14
N MET A 123 -5.18 -13.55 -1.37
CA MET A 123 -4.88 -12.95 -2.69
C MET A 123 -5.11 -14.01 -3.77
N GLN A 124 -4.67 -15.24 -3.57
CA GLN A 124 -4.80 -16.24 -4.67
C GLN A 124 -6.29 -16.59 -4.89
N GLY A 125 -7.05 -16.71 -3.80
CA GLY A 125 -8.52 -16.92 -3.81
C GLY A 125 -9.23 -15.78 -4.52
N PHE A 126 -8.86 -14.56 -4.18
CA PHE A 126 -9.30 -13.39 -4.92
C PHE A 126 -8.83 -13.45 -6.39
N LEU A 127 -7.57 -13.78 -6.65
CA LEU A 127 -7.08 -13.80 -8.05
C LEU A 127 -7.79 -14.94 -8.82
N ASP A 128 -8.00 -16.09 -8.19
CA ASP A 128 -8.78 -17.19 -8.80
C ASP A 128 -10.17 -16.66 -9.13
N VAL A 129 -10.87 -16.16 -8.12
CA VAL A 129 -12.29 -15.72 -8.29
C VAL A 129 -12.34 -14.64 -9.35
N CYS A 130 -11.31 -13.79 -9.45
CA CYS A 130 -11.35 -12.71 -10.45
C CYS A 130 -11.51 -13.26 -11.87
N ALA A 131 -10.91 -14.42 -12.14
CA ALA A 131 -11.13 -15.22 -13.37
C ALA A 131 -10.63 -14.42 -14.60
N GLY A 132 -9.49 -13.74 -14.45
CA GLY A 132 -8.87 -12.87 -15.47
C GLY A 132 -9.70 -11.65 -15.85
N ASN A 133 -10.77 -11.28 -15.12
CA ASN A 133 -11.64 -10.12 -15.45
C ASN A 133 -11.43 -8.95 -14.48
N CYS A 134 -10.60 -9.14 -13.44
CA CYS A 134 -10.18 -8.02 -12.56
C CYS A 134 -9.04 -7.33 -13.33
N LYS A 135 -9.17 -6.03 -13.57
CA LYS A 135 -8.14 -5.18 -14.25
C LYS A 135 -7.18 -4.62 -13.19
N ILE A 136 -6.05 -5.30 -13.03
CA ILE A 136 -5.09 -5.11 -11.90
C ILE A 136 -3.72 -4.84 -12.49
N ASP A 137 -3.18 -3.66 -12.23
CA ASP A 137 -1.84 -3.18 -12.66
C ASP A 137 -0.81 -3.57 -11.61
N PHE A 138 -1.20 -3.72 -10.34
CA PHE A 138 -0.21 -4.01 -9.26
C PHE A 138 -0.92 -4.60 -8.04
N LEU A 139 -0.29 -5.55 -7.37
CA LEU A 139 -0.74 -6.08 -6.05
C LEU A 139 -0.33 -5.11 -4.97
N ALA A 140 -1.18 -4.93 -3.96
CA ALA A 140 -0.85 -4.20 -2.73
C ALA A 140 -0.70 -5.28 -1.64
N VAL A 141 0.38 -5.24 -0.88
CA VAL A 141 0.58 -6.16 0.29
C VAL A 141 1.11 -5.40 1.52
N HIS A 142 0.97 -6.01 2.68
CA HIS A 142 1.41 -5.44 3.96
C HIS A 142 2.25 -6.43 4.75
N TRP A 143 3.32 -6.00 5.47
CA TRP A 143 4.09 -6.90 6.37
C TRP A 143 4.36 -6.17 7.70
N HIS A 144 3.86 -6.70 8.82
CA HIS A 144 4.17 -6.23 10.20
C HIS A 144 4.79 -7.40 10.96
N GLY A 145 5.79 -7.12 11.76
CA GLY A 145 6.50 -8.18 12.47
C GLY A 145 7.70 -7.59 13.18
N PRO A 146 8.25 -8.33 14.17
CA PRO A 146 9.46 -7.87 14.83
C PRO A 146 10.56 -7.42 13.69
N SER A 147 11.40 -6.54 14.23
CA SER A 147 12.56 -5.90 13.55
C SER A 147 13.61 -6.93 13.10
N GLY A 148 13.77 -8.05 13.83
CA GLY A 148 14.74 -9.14 13.58
C GLY A 148 14.16 -10.23 12.68
N ASN A 149 12.85 -10.18 12.42
CA ASN A 149 12.16 -11.05 11.43
C ASN A 149 12.27 -10.48 10.01
N VAL A 150 13.44 -9.97 9.65
CA VAL A 150 13.70 -9.28 8.35
C VAL A 150 13.65 -10.28 7.20
N ASP A 151 14.22 -11.47 7.37
CA ASP A 151 14.22 -12.44 6.26
C ASP A 151 12.75 -12.62 5.79
N ASP A 152 11.89 -12.91 6.81
CA ASP A 152 10.47 -13.27 6.56
C ASP A 152 9.87 -12.12 5.74
N PHE A 153 10.23 -10.88 6.06
CA PHE A 153 9.81 -9.69 5.27
C PHE A 153 10.05 -10.00 3.79
N LYS A 154 11.28 -10.30 3.43
CA LYS A 154 11.77 -10.38 2.02
C LYS A 154 11.13 -11.55 1.29
N ARG A 155 10.92 -12.67 1.99
CA ARG A 155 10.35 -13.93 1.45
C ARG A 155 8.92 -13.61 1.02
N TYR A 156 8.20 -13.01 1.97
CA TYR A 156 6.79 -12.57 1.83
C TYR A 156 6.69 -11.72 0.56
N VAL A 157 7.55 -10.73 0.43
CA VAL A 157 7.47 -9.74 -0.69
C VAL A 157 7.73 -10.47 -2.01
N SER A 158 8.73 -11.32 -2.02
CA SER A 158 9.05 -12.20 -3.19
C SER A 158 7.85 -13.10 -3.48
N GLU A 159 7.28 -13.72 -2.46
CA GLU A 159 6.11 -14.62 -2.63
C GLU A 159 4.94 -13.82 -3.23
N ALA A 160 4.76 -12.56 -2.79
CA ALA A 160 3.70 -11.67 -3.31
C ALA A 160 4.01 -11.41 -4.79
N ILE A 161 5.27 -11.13 -5.11
CA ILE A 161 5.71 -10.84 -6.50
C ILE A 161 5.47 -12.08 -7.39
N ALA A 162 5.90 -13.25 -6.91
CA ALA A 162 5.77 -14.53 -7.62
C ALA A 162 4.27 -14.73 -7.82
N LEU A 163 3.48 -14.54 -6.76
CA LEU A 163 2.02 -14.77 -6.85
C LEU A 163 1.43 -13.87 -7.96
N GLY A 164 1.75 -12.57 -7.94
CA GLY A 164 1.24 -11.58 -8.93
C GLY A 164 1.61 -11.95 -10.37
N GLN A 165 2.86 -12.34 -10.60
CA GLN A 165 3.39 -12.71 -11.94
C GLN A 165 2.67 -13.96 -12.46
N LYS A 166 2.42 -14.97 -11.62
CA LYS A 166 1.69 -16.20 -12.04
C LYS A 166 0.34 -15.75 -12.63
N TYR A 167 -0.32 -14.75 -12.05
CA TYR A 167 -1.63 -14.21 -12.53
C TYR A 167 -1.41 -13.01 -13.50
N GLY A 168 -0.18 -12.76 -13.99
CA GLY A 168 0.10 -11.74 -15.04
C GLY A 168 0.04 -10.28 -14.58
N ILE A 169 0.27 -10.05 -13.30
CA ILE A 169 0.32 -8.71 -12.64
C ILE A 169 1.79 -8.47 -12.32
N GLY A 170 2.45 -7.53 -13.00
CA GLY A 170 3.91 -7.48 -13.15
C GLY A 170 4.64 -6.79 -12.02
N THR A 171 3.94 -6.21 -11.04
CA THR A 171 4.59 -5.52 -9.90
C THR A 171 3.71 -5.54 -8.65
N VAL A 172 4.30 -5.25 -7.49
CA VAL A 172 3.55 -5.04 -6.22
C VAL A 172 3.88 -3.66 -5.63
N TRP A 173 2.91 -3.09 -4.93
CA TRP A 173 3.26 -2.06 -3.90
C TRP A 173 3.21 -2.71 -2.49
N VAL A 174 4.23 -2.49 -1.70
CA VAL A 174 4.22 -2.82 -0.25
C VAL A 174 3.70 -1.58 0.48
N THR A 175 2.40 -1.49 0.59
CA THR A 175 1.74 -0.22 1.04
C THR A 175 1.84 -0.07 2.56
N GLU A 176 2.23 -1.14 3.27
CA GLU A 176 2.53 -1.07 4.71
C GLU A 176 3.69 -2.04 4.99
N PHE A 177 4.74 -1.56 5.62
CA PHE A 177 5.65 -2.48 6.36
C PHE A 177 6.13 -1.83 7.66
N GLU A 178 6.30 -2.64 8.71
CA GLU A 178 6.65 -2.12 10.05
C GLU A 178 7.54 -3.15 10.74
N GLY A 179 8.82 -2.82 10.96
CA GLY A 179 9.76 -3.59 11.81
C GLY A 179 9.73 -3.12 13.26
N GLN A 180 9.09 -3.89 14.15
CA GLN A 180 8.62 -3.40 15.48
C GLN A 180 9.73 -3.50 16.51
N GLY A 181 9.58 -2.79 17.64
CA GLY A 181 10.60 -2.71 18.69
C GLY A 181 11.02 -1.29 18.97
N ASP A 182 12.09 -1.08 19.75
CA ASP A 182 12.55 0.28 20.15
C ASP A 182 13.07 1.04 18.93
N GLU A 183 13.40 2.31 19.09
CA GLU A 183 13.82 3.19 17.97
C GLU A 183 15.00 2.56 17.22
N GLU A 184 16.01 2.05 17.92
CA GLU A 184 17.24 1.55 17.24
C GLU A 184 16.89 0.32 16.37
N ALA A 185 16.01 -0.56 16.92
CA ALA A 185 15.54 -1.84 16.33
C ALA A 185 14.74 -1.61 14.95
N GLN A 186 14.04 -0.43 15.07
CA GLN A 186 13.28 0.09 13.88
C GLN A 186 14.25 0.68 12.85
N VAL A 187 15.21 1.51 13.27
CA VAL A 187 16.18 2.09 12.31
C VAL A 187 16.82 0.93 11.48
N ASN A 188 17.57 0.02 12.26
CA ASN A 188 18.46 -1.00 11.63
C ASN A 188 17.68 -1.77 10.55
N PHE A 189 16.41 -2.04 10.84
CA PHE A 189 15.49 -2.76 9.93
C PHE A 189 15.41 -1.95 8.63
N LEU A 190 15.17 -0.64 8.74
CA LEU A 190 15.04 0.23 7.54
C LEU A 190 16.36 0.24 6.75
N LYS A 191 17.48 0.20 7.46
CA LYS A 191 18.82 0.10 6.80
C LYS A 191 18.94 -1.15 5.92
N GLU A 192 18.31 -2.27 6.29
CA GLU A 192 18.38 -3.54 5.53
C GLU A 192 17.34 -3.51 4.38
N VAL A 193 16.09 -3.16 4.67
CA VAL A 193 14.97 -3.34 3.70
C VAL A 193 14.91 -2.17 2.68
N LEU A 194 15.24 -0.93 3.07
CA LEU A 194 15.03 0.20 2.11
C LEU A 194 15.87 0.03 0.83
N PRO A 195 17.17 -0.28 0.93
CA PRO A 195 17.97 -0.52 -0.28
C PRO A 195 17.41 -1.71 -1.10
N TRP A 196 17.02 -2.78 -0.41
CA TRP A 196 16.50 -4.04 -1.02
C TRP A 196 15.21 -3.75 -1.79
N LEU A 197 14.31 -3.00 -1.14
CA LEU A 197 13.04 -2.57 -1.78
C LEU A 197 13.40 -1.68 -2.98
N ASP A 198 14.37 -0.77 -2.82
CA ASP A 198 14.67 0.25 -3.86
C ASP A 198 15.23 -0.42 -5.16
N SER A 199 15.98 -1.51 -5.03
CA SER A 199 16.58 -2.20 -6.21
C SER A 199 15.71 -3.40 -6.64
N ASN A 200 14.81 -3.89 -5.77
CA ASN A 200 13.92 -5.03 -6.12
C ASN A 200 12.88 -4.48 -7.09
N ALA A 201 13.11 -4.71 -8.38
CA ALA A 201 12.25 -4.34 -9.52
C ALA A 201 10.86 -4.99 -9.46
N GLY A 202 10.65 -5.97 -8.57
CA GLY A 202 9.30 -6.52 -8.30
C GLY A 202 8.47 -5.55 -7.47
N VAL A 203 9.14 -4.58 -6.82
CA VAL A 203 8.48 -3.56 -5.92
C VAL A 203 8.49 -2.19 -6.60
N GLU A 204 7.33 -1.77 -7.16
CA GLU A 204 7.12 -0.48 -7.87
C GLU A 204 7.13 0.66 -6.87
N ARG A 205 6.43 0.49 -5.74
CA ARG A 205 6.25 1.54 -4.68
C ARG A 205 6.11 0.90 -3.30
N TYR A 206 6.52 1.64 -2.25
CA TYR A 206 6.34 1.14 -0.86
C TYR A 206 6.13 2.31 0.11
N ALA A 207 5.67 2.01 1.33
CA ALA A 207 5.44 2.95 2.44
C ALA A 207 5.66 2.25 3.77
N SER A 208 6.60 2.74 4.54
CA SER A 208 6.75 2.31 5.94
C SER A 208 5.54 2.76 6.71
N PHE A 209 5.18 1.98 7.73
CA PHE A 209 3.95 2.20 8.50
C PHE A 209 4.29 2.89 9.83
N PHE A 210 3.94 4.17 10.04
CA PHE A 210 3.48 5.14 9.05
C PHE A 210 3.87 6.55 9.55
N VAL A 211 3.59 7.57 8.75
CA VAL A 211 4.02 8.97 9.02
C VAL A 211 3.65 9.35 10.45
N ASP A 212 2.41 9.12 10.86
CA ASP A 212 1.91 9.68 12.14
C ASP A 212 2.66 9.04 13.29
N ASN A 213 3.28 7.87 13.12
CA ASN A 213 4.05 7.26 14.23
C ASN A 213 5.51 7.69 14.10
N LEU A 214 5.94 8.22 12.94
CA LEU A 214 7.35 8.56 12.64
C LEU A 214 7.64 10.01 13.03
N VAL A 215 6.60 10.77 13.36
CA VAL A 215 6.61 12.18 13.87
C VAL A 215 5.97 12.18 15.25
N LYS A 216 6.46 12.97 16.21
CA LYS A 216 5.84 13.09 17.55
C LYS A 216 6.01 14.52 18.09
N GLY A 217 4.91 15.18 18.45
CA GLY A 217 4.89 16.59 18.93
C GLY A 217 5.34 17.56 17.85
N GLY A 218 5.00 17.24 16.60
CA GLY A 218 5.36 18.05 15.42
C GLY A 218 6.79 17.80 14.95
N ALA A 219 7.55 16.89 15.59
CA ALA A 219 8.97 16.64 15.25
C ALA A 219 9.18 15.22 14.72
N LEU A 220 10.01 15.03 13.70
CA LEU A 220 10.49 13.68 13.28
C LEU A 220 11.09 13.01 14.51
N THR A 221 10.75 11.75 14.74
CA THR A 221 11.50 10.84 15.63
C THR A 221 12.78 10.40 14.90
N SER A 222 13.62 9.55 15.51
CA SER A 222 14.88 9.06 14.88
C SER A 222 14.56 8.05 13.79
N VAL A 223 13.43 7.38 13.94
CA VAL A 223 12.92 6.46 12.89
C VAL A 223 12.51 7.29 11.65
N GLY A 224 11.82 8.40 11.87
CA GLY A 224 11.46 9.41 10.85
C GLY A 224 12.64 9.84 9.99
N LYS A 225 13.72 10.27 10.63
CA LYS A 225 14.96 10.71 9.94
C LYS A 225 15.53 9.61 9.04
N ALA A 226 15.59 8.38 9.54
CA ALA A 226 16.10 7.22 8.78
C ALA A 226 15.26 7.03 7.51
N TYR A 227 13.94 7.04 7.65
CA TYR A 227 13.03 6.80 6.51
C TYR A 227 13.25 7.92 5.48
N LYS A 228 13.61 9.12 5.94
CA LYS A 228 13.77 10.34 5.08
C LYS A 228 15.08 10.34 4.31
N THR A 229 16.15 9.68 4.81
CA THR A 229 17.56 9.87 4.38
C THR A 229 18.16 8.60 3.79
N ILE A 230 17.65 7.40 4.08
CA ILE A 230 18.39 6.17 3.75
C ILE A 230 18.28 5.96 2.23
C1 GLC B . -2.85 -2.88 9.57
C2 GLC B . -4.11 -2.09 9.20
C3 GLC B . -4.36 -0.94 10.18
C4 GLC B . -4.31 -1.49 11.63
C5 GLC B . -3.09 -2.33 11.88
C6 GLC B . -2.96 -2.93 13.30
O1 GLC B . -1.66 -2.07 9.61
O2 GLC B . -4.14 -1.52 7.87
O3 GLC B . -5.61 -0.33 9.86
O4 GLC B . -4.21 -0.42 12.50
O5 GLC B . -3.09 -3.38 10.91
O6 GLC B . -4.28 -3.20 13.71
C2 BGC B . -6.96 1.51 9.24
C3 BGC B . -7.03 2.88 8.64
C4 BGC B . -6.07 3.74 9.43
C5 BGC B . -4.65 3.12 9.41
C6 BGC B . -3.53 3.75 10.23
C1 BGC B . -5.56 0.96 9.30
O2 BGC B . -7.75 0.69 8.38
O3 BGC B . -8.39 3.41 8.54
O4 BGC B . -6.17 5.01 8.78
O5 BGC B . -4.64 1.80 9.99
O6 BGC B . -4.04 3.99 11.57
#